data_7P26
#
_entry.id   7P26
#
_cell.length_a   49.924
_cell.length_b   109.572
_cell.length_c   117.531
_cell.angle_alpha   90.000
_cell.angle_beta   90.000
_cell.angle_gamma   90.000
#
_symmetry.space_group_name_H-M   'P 2 21 21'
#
loop_
_entity.id
_entity.type
_entity.pdbx_description
1 polymer 'Putative arylsulfatase'
2 non-polymer 'POLYETHYLENE GLYCOL (N=34)'
3 non-polymer 'polyethylene glycol'
4 non-polymer 'CALCIUM ION'
5 non-polymer 'SODIUM ION'
6 water water
#
_entity_poly.entity_id   1
_entity_poly.type   'polypeptide(L)'
_entity_poly.pdbx_seq_one_letter_code
;MGSSHHHHHHSSGLVPAGSHMASQSSKKEKKTKPNVIIILADDLGYGDLECYGTTRVHTPNVNRLASEGIRFTNVHATAS
TSTPSRYALLTGEYAWRKKGTGVAAGNAGMIIRPEQYTIADMFKSADYTTGAIGKWHLGLGDKTGTQDWNGTISPALKDI
GFDYSYIMAATADRVPCIYIENGKVADYDSTAPIEVSYQKPFEGEPTGRKNPELLYNLKPSHGHDMAIVNGISRIGYMKG
GGKALWKDENIADTITSHAIRFIEENKERPFFLYFATNDVHVPRFPHERFRGKNPMGLRGDAIVQFDWSVGEIMKTLDRL
GLTENTLIILSSDNGPVLDDGYDDKAVELAGSHKPGGPFRGGKYSAFEAGTCVPAIVRYPAQVKKNQTLNTLLSQIDWIQ
SLASLVNVTIPQSKAPDSQNHLDSWLGKSKKDRPWVIEESNILALSVRKGKWKYIEPSNGSPMITWGPKIETGYAPYDQL
FDMNKSEFESENLAPKYPAIVKEMKDILVQERAKGKK
;
_entity_poly.pdbx_strand_id   AAA
#
# COMPACT_ATOMS: atom_id res chain seq x y z
N THR A 32 13.70 18.88 -15.16
CA THR A 32 15.15 18.79 -15.57
C THR A 32 15.67 17.38 -15.28
N LYS A 33 14.90 16.35 -15.68
CA LYS A 33 14.90 14.99 -15.07
C LYS A 33 14.47 15.16 -13.61
N PRO A 34 13.18 15.41 -13.34
CA PRO A 34 12.71 15.61 -11.98
C PRO A 34 12.92 14.36 -11.13
N ASN A 35 13.17 14.54 -9.85
CA ASN A 35 13.14 13.39 -8.93
C ASN A 35 11.70 12.93 -8.79
N VAL A 36 11.51 11.65 -8.49
CA VAL A 36 10.16 11.09 -8.25
C VAL A 36 10.18 10.34 -6.93
N ILE A 37 9.27 10.71 -6.05
CA ILE A 37 9.05 9.99 -4.78
C ILE A 37 7.61 9.51 -4.76
N ILE A 38 7.42 8.20 -4.65
CA ILE A 38 6.09 7.63 -4.32
C ILE A 38 6.09 7.39 -2.81
N ILE A 39 5.18 8.05 -2.12
CA ILE A 39 4.95 7.81 -0.68
C ILE A 39 3.69 6.96 -0.60
N LEU A 40 3.84 5.70 -0.29
CA LEU A 40 2.68 4.77 -0.28
C LEU A 40 2.39 4.37 1.15
N ALA A 41 1.25 4.81 1.65
CA ALA A 41 0.76 4.38 2.97
C ALA A 41 0.22 2.95 2.87
N ASP A 42 0.05 2.32 4.02
CA ASP A 42 -0.44 0.94 4.13
C ASP A 42 -1.82 0.96 4.81
N ASP A 43 -2.85 0.56 4.09
CA ASP A 43 -4.21 0.42 4.66
C ASP A 43 -4.78 1.80 5.05
N LEU A 44 -4.31 2.89 4.45
CA LEU A 44 -4.82 4.23 4.78
C LEU A 44 -6.07 4.49 3.94
N GLY A 45 -7.16 4.77 4.64
CA GLY A 45 -8.46 4.94 3.97
C GLY A 45 -8.68 6.30 3.36
N TYR A 46 -9.66 6.37 2.47
CA TYR A 46 -10.09 7.61 1.79
C TYR A 46 -10.39 8.71 2.82
N GLY A 47 -10.99 8.33 3.95
CA GLY A 47 -11.41 9.28 4.99
C GLY A 47 -10.44 9.47 6.13
N ASP A 48 -9.26 8.84 6.10
CA ASP A 48 -8.36 8.88 7.27
C ASP A 48 -7.61 10.21 7.41
N LEU A 49 -7.36 10.93 6.32
CA LEU A 49 -6.58 12.19 6.38
C LEU A 49 -7.50 13.38 6.58
N GLU A 50 -6.99 14.42 7.26
CA GLU A 50 -7.82 15.58 7.61
C GLU A 50 -8.34 16.28 6.35
N CYS A 51 -7.53 16.39 5.32
CA CYS A 51 -7.93 17.08 4.07
C CYS A 51 -9.00 16.29 3.32
N TYR A 52 -9.37 15.08 3.76
CA TYR A 52 -10.49 14.31 3.18
C TYR A 52 -11.72 14.34 4.08
N GLY A 53 -11.71 15.13 5.15
CA GLY A 53 -12.94 15.55 5.84
C GLY A 53 -13.11 15.08 7.27
N THR A 54 -12.24 14.26 7.84
CA THR A 54 -12.38 13.86 9.26
C THR A 54 -12.17 15.06 10.19
N THR A 55 -12.91 15.05 11.30
CA THR A 55 -12.79 16.03 12.41
C THR A 55 -11.84 15.52 13.49
N ARG A 56 -11.31 14.30 13.36
CA ARG A 56 -10.77 13.58 14.54
C ARG A 56 -9.25 13.45 14.53
N VAL A 57 -8.58 13.91 13.47
CA VAL A 57 -7.11 13.81 13.42
C VAL A 57 -6.56 14.97 12.62
N HIS A 58 -5.44 15.52 13.08
CA HIS A 58 -4.75 16.66 12.46
C HIS A 58 -3.57 16.12 11.65
N THR A 59 -3.57 16.39 10.35
CA THR A 59 -2.51 15.92 9.43
C THR A 59 -1.93 17.11 8.67
N PRO A 60 -1.22 18.02 9.38
CA PRO A 60 -0.84 19.30 8.76
C PRO A 60 0.15 19.17 7.61
N ASN A 61 1.04 18.20 7.68
CA ASN A 61 2.06 18.05 6.61
C ASN A 61 1.40 17.55 5.32
N VAL A 62 0.54 16.55 5.44
CA VAL A 62 -0.20 16.04 4.26
C VAL A 62 -1.15 17.11 3.75
N ASN A 63 -1.79 17.86 4.64
CA ASN A 63 -2.70 18.94 4.20
C ASN A 63 -1.92 19.98 3.40
N ARG A 64 -0.72 20.34 3.87
N ARG A 64 -0.72 20.32 3.87
CA ARG A 64 0.15 21.33 3.17
CA ARG A 64 0.15 21.32 3.19
C ARG A 64 0.56 20.76 1.81
C ARG A 64 0.58 20.77 1.82
N LEU A 65 0.97 19.50 1.77
CA LEU A 65 1.37 18.85 0.50
C LEU A 65 0.22 18.99 -0.51
N ALA A 66 -1.00 18.66 -0.09
CA ALA A 66 -2.19 18.75 -0.96
C ALA A 66 -2.41 20.20 -1.41
N SER A 67 -2.31 21.15 -0.49
N SER A 67 -2.32 21.15 -0.50
N SER A 67 -2.32 21.14 -0.48
CA SER A 67 -2.54 22.59 -0.79
CA SER A 67 -2.55 22.58 -0.81
CA SER A 67 -2.52 22.59 -0.74
C SER A 67 -1.55 23.07 -1.85
C SER A 67 -1.57 23.05 -1.88
C SER A 67 -1.55 23.08 -1.82
N GLU A 68 -0.37 22.46 -1.91
CA GLU A 68 0.71 22.86 -2.85
C GLU A 68 0.60 22.12 -4.19
N GLY A 69 -0.47 21.34 -4.38
CA GLY A 69 -0.63 20.57 -5.63
C GLY A 69 -2.07 20.13 -5.82
N ILE A 70 -2.26 18.84 -6.07
CA ILE A 70 -3.59 18.26 -6.36
C ILE A 70 -3.98 17.30 -5.25
N ARG A 71 -5.19 17.45 -4.74
CA ARG A 71 -5.90 16.43 -3.95
C ARG A 71 -6.88 15.72 -4.89
N PHE A 72 -6.66 14.43 -5.13
CA PHE A 72 -7.52 13.64 -6.03
C PHE A 72 -8.62 12.95 -5.22
N THR A 73 -9.83 12.93 -5.77
CA THR A 73 -10.99 12.37 -5.05
C THR A 73 -11.52 11.09 -5.69
N ASN A 74 -10.91 10.59 -6.76
CA ASN A 74 -11.43 9.42 -7.51
C ASN A 74 -10.30 8.50 -7.98
N VAL A 75 -9.20 8.48 -7.24
CA VAL A 75 -8.07 7.57 -7.54
C VAL A 75 -8.34 6.20 -6.94
N HIS A 76 -8.04 5.17 -7.74
CA HIS A 76 -8.19 3.78 -7.30
C HIS A 76 -6.87 3.02 -7.33
N ALA A 77 -6.63 2.28 -6.26
CA ALA A 77 -5.69 1.15 -6.27
C ALA A 77 -6.31 0.06 -7.14
N THR A 78 -5.50 -0.93 -7.49
CA THR A 78 -6.01 -2.05 -8.31
C THR A 78 -6.66 -3.13 -7.46
N ALA A 79 -6.40 -3.17 -6.15
CA ALA A 79 -6.87 -4.26 -5.30
C ALA A 79 -7.14 -3.72 -3.90
N SER A 80 -7.97 -4.42 -3.16
CA SER A 80 -8.32 -4.00 -1.79
C SER A 80 -7.49 -4.70 -0.72
N THR A 81 -6.41 -5.37 -1.11
N THR A 81 -6.41 -5.36 -1.12
N THR A 81 -6.40 -5.35 -1.13
CA THR A 81 -5.43 -5.91 -0.15
CA THR A 81 -5.44 -6.01 -0.18
CA THR A 81 -5.43 -6.01 -0.23
C THR A 81 -4.01 -5.61 -0.64
C THR A 81 -4.01 -5.73 -0.66
C THR A 81 -4.00 -5.67 -0.65
N SER A 82 -3.07 -5.75 0.28
CA SER A 82 -1.73 -5.16 0.16
C SER A 82 -0.93 -5.74 -1.00
N THR A 83 -0.75 -7.05 -0.99
CA THR A 83 0.17 -7.69 -1.95
C THR A 83 -0.28 -7.46 -3.38
N PRO A 84 -1.54 -7.78 -3.77
CA PRO A 84 -1.91 -7.61 -5.17
C PRO A 84 -1.87 -6.15 -5.64
N SER A 85 -2.21 -5.23 -4.74
N SER A 85 -2.21 -5.19 -4.76
CA SER A 85 -2.17 -3.79 -5.06
CA SER A 85 -2.16 -3.75 -5.14
C SER A 85 -0.75 -3.36 -5.42
C SER A 85 -0.72 -3.34 -5.44
N ARG A 86 0.21 -3.75 -4.57
CA ARG A 86 1.62 -3.34 -4.76
C ARG A 86 2.23 -4.05 -5.97
N TYR A 87 1.89 -5.32 -6.17
CA TYR A 87 2.34 -6.03 -7.37
C TYR A 87 1.98 -5.21 -8.60
N ALA A 88 0.72 -4.80 -8.70
CA ALA A 88 0.22 -4.12 -9.91
C ALA A 88 0.85 -2.75 -10.08
N LEU A 89 0.98 -1.97 -9.01
CA LEU A 89 1.51 -0.61 -9.19
C LEU A 89 3.00 -0.68 -9.56
N LEU A 90 3.73 -1.69 -9.11
CA LEU A 90 5.17 -1.78 -9.43
C LEU A 90 5.43 -2.40 -10.81
N THR A 91 4.52 -3.23 -11.32
CA THR A 91 4.76 -3.97 -12.59
C THR A 91 3.91 -3.45 -13.75
N GLY A 92 2.83 -2.74 -13.50
CA GLY A 92 1.89 -2.39 -14.58
C GLY A 92 1.12 -3.60 -15.11
N GLU A 93 1.05 -4.68 -14.32
CA GLU A 93 0.25 -5.89 -14.67
C GLU A 93 -0.73 -6.16 -13.52
N TYR A 94 -2.00 -6.36 -13.84
CA TYR A 94 -2.99 -6.69 -12.79
C TYR A 94 -2.56 -7.98 -12.11
N ALA A 95 -2.60 -8.00 -10.78
CA ALA A 95 -2.13 -9.15 -9.98
C ALA A 95 -2.98 -10.39 -10.28
N TRP A 96 -4.25 -10.20 -10.61
CA TRP A 96 -5.19 -11.32 -10.81
C TRP A 96 -4.86 -12.09 -12.09
N ARG A 97 -3.90 -11.62 -12.89
CA ARG A 97 -3.43 -12.38 -14.09
C ARG A 97 -2.47 -13.49 -13.69
N LYS A 98 -1.92 -13.42 -12.48
CA LYS A 98 -0.78 -14.26 -12.07
C LYS A 98 -1.20 -15.08 -10.86
N LYS A 99 -1.10 -16.40 -10.98
CA LYS A 99 -1.44 -17.32 -9.87
C LYS A 99 -0.53 -16.96 -8.69
N GLY A 100 -1.11 -16.93 -7.49
CA GLY A 100 -0.36 -16.87 -6.24
C GLY A 100 -0.14 -15.45 -5.71
N THR A 101 -0.44 -14.41 -6.48
CA THR A 101 -0.24 -13.01 -6.04
C THR A 101 -1.26 -12.65 -4.94
N GLY A 102 -2.38 -13.38 -4.82
CA GLY A 102 -3.44 -13.08 -3.83
C GLY A 102 -3.40 -14.00 -2.61
N VAL A 103 -2.48 -14.96 -2.57
CA VAL A 103 -2.40 -15.97 -1.46
C VAL A 103 -0.93 -16.12 -1.04
N ALA A 104 -0.16 -15.04 -1.07
CA ALA A 104 1.30 -15.13 -0.81
C ALA A 104 1.52 -15.70 0.60
N ALA A 105 2.44 -16.65 0.72
CA ALA A 105 2.80 -17.29 2.01
C ALA A 105 3.38 -16.23 2.96
N GLY A 106 3.32 -16.49 4.25
CA GLY A 106 3.95 -15.62 5.25
C GLY A 106 5.43 -15.42 4.95
N ASN A 107 6.10 -16.44 4.44
CA ASN A 107 7.52 -16.37 4.04
C ASN A 107 7.61 -16.64 2.55
N ALA A 108 6.74 -16.02 1.76
CA ALA A 108 6.74 -16.12 0.29
C ALA A 108 8.12 -15.81 -0.27
N GLY A 109 8.47 -16.51 -1.33
CA GLY A 109 9.55 -16.05 -2.23
C GLY A 109 9.09 -14.83 -3.00
N MET A 110 10.01 -14.25 -3.77
N MET A 110 9.98 -14.21 -3.78
CA MET A 110 9.71 -13.04 -4.56
CA MET A 110 9.65 -12.96 -4.49
C MET A 110 8.45 -13.31 -5.38
C MET A 110 8.44 -13.19 -5.40
N ILE A 111 7.50 -12.40 -5.29
N ILE A 111 7.42 -12.34 -5.28
CA ILE A 111 6.23 -12.44 -6.06
CA ILE A 111 6.19 -12.44 -6.10
C ILE A 111 6.44 -11.73 -7.40
C ILE A 111 6.46 -11.75 -7.44
N ILE A 112 7.26 -10.67 -7.41
CA ILE A 112 7.80 -10.08 -8.66
C ILE A 112 9.11 -10.81 -8.96
N ARG A 113 9.13 -11.59 -10.03
CA ARG A 113 10.33 -12.37 -10.35
C ARG A 113 11.35 -11.48 -11.05
N PRO A 114 12.65 -11.85 -11.01
CA PRO A 114 13.68 -11.04 -11.68
C PRO A 114 13.44 -10.81 -13.18
N GLU A 115 12.72 -11.73 -13.84
CA GLU A 115 12.44 -11.63 -15.28
C GLU A 115 11.34 -10.59 -15.57
N GLN A 116 10.63 -10.12 -14.55
N GLN A 116 10.62 -10.14 -14.54
CA GLN A 116 9.47 -9.22 -14.73
CA GLN A 116 9.45 -9.23 -14.69
C GLN A 116 9.92 -7.76 -14.67
C GLN A 116 9.92 -7.77 -14.68
N TYR A 117 9.51 -6.99 -15.67
CA TYR A 117 9.84 -5.57 -15.82
C TYR A 117 9.11 -4.78 -14.73
N THR A 118 9.85 -3.90 -14.05
CA THR A 118 9.25 -3.08 -12.98
C THR A 118 9.45 -1.58 -13.23
N ILE A 119 8.76 -0.78 -12.42
CA ILE A 119 8.92 0.68 -12.45
C ILE A 119 10.36 1.07 -12.09
N ALA A 120 11.04 0.28 -11.27
CA ALA A 120 12.45 0.56 -10.94
C ALA A 120 13.32 0.34 -12.20
N ASP A 121 13.06 -0.72 -12.95
CA ASP A 121 13.79 -0.94 -14.22
C ASP A 121 13.55 0.23 -15.16
N MET A 122 12.31 0.71 -15.20
CA MET A 122 11.94 1.83 -16.10
C MET A 122 12.80 3.04 -15.71
N PHE A 123 12.83 3.42 -14.45
CA PHE A 123 13.65 4.58 -14.02
C PHE A 123 15.14 4.34 -14.26
N LYS A 124 15.62 3.11 -14.04
N LYS A 124 15.63 3.12 -14.05
CA LYS A 124 17.05 2.78 -14.31
CA LYS A 124 17.08 2.86 -14.29
C LYS A 124 17.38 3.14 -15.75
C LYS A 124 17.39 3.06 -15.79
N SER A 125 16.47 2.83 -16.69
N SER A 125 16.42 2.78 -16.66
CA SER A 125 16.71 3.02 -18.14
CA SER A 125 16.58 3.00 -18.13
C SER A 125 16.68 4.51 -18.51
C SER A 125 16.83 4.49 -18.42
N ALA A 126 16.27 5.38 -17.59
CA ALA A 126 16.39 6.86 -17.72
C ALA A 126 17.61 7.40 -16.93
N ASP A 127 18.48 6.50 -16.46
N ASP A 127 18.46 6.50 -16.41
CA ASP A 127 19.71 6.83 -15.68
CA ASP A 127 19.72 6.82 -15.69
C ASP A 127 19.30 7.54 -14.38
C ASP A 127 19.41 7.35 -14.28
N TYR A 128 18.23 7.05 -13.75
CA TYR A 128 17.90 7.40 -12.37
C TYR A 128 18.53 6.37 -11.43
N THR A 129 18.87 6.82 -10.22
N THR A 129 18.93 6.81 -10.23
CA THR A 129 19.23 5.95 -9.07
CA THR A 129 19.25 5.89 -9.11
C THR A 129 17.93 5.57 -8.36
C THR A 129 17.93 5.56 -8.42
N THR A 130 17.75 4.30 -8.05
CA THR A 130 16.46 3.79 -7.55
C THR A 130 16.60 3.26 -6.12
N GLY A 131 15.57 3.50 -5.32
CA GLY A 131 15.55 3.03 -3.93
C GLY A 131 14.16 2.58 -3.52
N ALA A 132 14.11 1.55 -2.69
CA ALA A 132 12.89 1.03 -2.06
C ALA A 132 13.13 1.00 -0.57
N ILE A 133 12.32 1.72 0.18
CA ILE A 133 12.51 1.85 1.64
C ILE A 133 11.18 1.63 2.33
N GLY A 134 11.15 0.70 3.28
CA GLY A 134 10.00 0.52 4.18
C GLY A 134 9.29 -0.80 3.96
N LYS A 135 7.99 -0.72 3.73
CA LYS A 135 7.10 -1.90 3.69
C LYS A 135 7.14 -2.54 2.31
N TRP A 136 7.14 -3.87 2.28
CA TRP A 136 7.31 -4.61 1.01
C TRP A 136 6.05 -5.39 0.58
N HIS A 137 5.65 -6.41 1.33
CA HIS A 137 4.47 -7.27 1.06
C HIS A 137 4.66 -8.17 -0.17
N LEU A 138 5.87 -8.27 -0.73
CA LEU A 138 6.02 -8.90 -2.07
C LEU A 138 7.07 -10.02 -2.10
N GLY A 139 7.41 -10.59 -0.95
CA GLY A 139 8.24 -11.80 -0.90
C GLY A 139 9.72 -11.51 -1.05
N LEU A 140 10.53 -12.49 -0.67
CA LEU A 140 11.99 -12.38 -0.68
C LEU A 140 12.56 -13.76 -0.98
N GLY A 141 13.66 -13.80 -1.73
CA GLY A 141 14.29 -15.08 -2.05
C GLY A 141 13.53 -15.81 -3.14
N ASP A 142 13.86 -17.08 -3.31
CA ASP A 142 13.42 -17.84 -4.48
C ASP A 142 12.04 -18.44 -4.20
N LYS A 143 11.98 -19.44 -3.34
CA LYS A 143 10.73 -20.17 -3.05
C LYS A 143 10.35 -19.94 -1.59
N THR A 144 9.08 -20.11 -1.29
CA THR A 144 8.55 -19.99 0.07
C THR A 144 9.41 -20.79 1.06
N GLY A 145 9.81 -20.14 2.15
CA GLY A 145 10.49 -20.83 3.26
C GLY A 145 11.96 -21.12 3.02
N THR A 146 12.54 -20.71 1.89
CA THR A 146 13.93 -21.08 1.53
C THR A 146 14.89 -19.94 1.89
N GLN A 147 14.41 -18.89 2.55
CA GLN A 147 15.29 -17.75 2.88
C GLN A 147 16.30 -18.19 3.94
N ASP A 148 17.58 -17.95 3.71
CA ASP A 148 18.60 -18.13 4.76
C ASP A 148 18.74 -16.79 5.46
N TRP A 149 18.02 -16.63 6.55
CA TRP A 149 18.03 -15.35 7.28
C TRP A 149 19.40 -15.13 7.93
N ASN A 150 20.22 -16.17 7.99
CA ASN A 150 21.60 -16.10 8.55
C ASN A 150 22.64 -15.88 7.45
N GLY A 151 22.21 -15.60 6.22
CA GLY A 151 23.12 -15.44 5.09
C GLY A 151 22.67 -14.35 4.15
N THR A 152 22.83 -14.59 2.85
CA THR A 152 22.42 -13.66 1.80
C THR A 152 21.12 -14.18 1.21
N ILE A 153 20.16 -13.27 1.04
N ILE A 153 20.19 -13.25 0.99
CA ILE A 153 18.85 -13.57 0.39
CA ILE A 153 18.88 -13.58 0.38
C ILE A 153 18.99 -13.24 -1.10
C ILE A 153 18.98 -13.23 -1.12
N SER A 154 18.50 -14.12 -1.96
CA SER A 154 18.56 -13.91 -3.42
C SER A 154 17.57 -14.84 -4.09
N PRO A 155 16.75 -14.38 -5.04
CA PRO A 155 16.67 -12.99 -5.49
C PRO A 155 16.09 -12.04 -4.43
N ALA A 156 16.44 -10.76 -4.57
CA ALA A 156 15.96 -9.66 -3.72
C ALA A 156 15.76 -8.43 -4.60
N LEU A 157 15.67 -7.25 -4.00
CA LEU A 157 15.14 -6.10 -4.75
C LEU A 157 16.12 -5.58 -5.82
N LYS A 158 17.42 -5.83 -5.68
N LYS A 158 17.41 -5.82 -5.63
CA LYS A 158 18.37 -5.41 -6.73
CA LYS A 158 18.40 -5.48 -6.70
C LYS A 158 18.11 -6.22 -8.01
C LYS A 158 17.99 -6.16 -8.00
N ASP A 159 17.48 -7.39 -7.90
CA ASP A 159 17.16 -8.24 -9.07
C ASP A 159 15.92 -7.75 -9.81
N ILE A 160 15.19 -6.77 -9.28
CA ILE A 160 14.03 -6.15 -9.97
C ILE A 160 14.24 -4.64 -10.10
N GLY A 161 15.48 -4.18 -10.05
CA GLY A 161 15.82 -2.82 -10.51
C GLY A 161 16.05 -1.79 -9.41
N PHE A 162 16.02 -2.18 -8.14
CA PHE A 162 16.26 -1.23 -7.03
C PHE A 162 17.74 -1.24 -6.61
N ASP A 163 18.44 -0.13 -6.86
CA ASP A 163 19.87 0.00 -6.52
C ASP A 163 20.07 -0.13 -5.01
N TYR A 164 19.20 0.49 -4.24
CA TYR A 164 19.26 0.50 -2.76
C TYR A 164 17.93 0.00 -2.24
N SER A 165 17.97 -0.82 -1.20
CA SER A 165 16.73 -1.18 -0.49
C SER A 165 17.01 -1.33 1.00
N TYR A 166 16.05 -0.88 1.79
CA TYR A 166 16.04 -1.07 3.25
C TYR A 166 14.58 -1.33 3.61
N ILE A 167 14.21 -2.58 3.76
CA ILE A 167 12.79 -2.97 3.88
C ILE A 167 12.58 -3.82 5.11
N MET A 168 11.37 -3.73 5.64
CA MET A 168 10.89 -4.72 6.61
C MET A 168 10.82 -6.09 5.93
N ALA A 169 11.35 -7.12 6.59
CA ALA A 169 11.33 -8.47 6.02
C ALA A 169 9.92 -8.97 5.81
N ALA A 170 9.00 -8.54 6.66
CA ALA A 170 7.58 -8.90 6.64
C ALA A 170 6.79 -7.69 7.11
N THR A 171 5.51 -7.65 6.79
CA THR A 171 4.64 -6.63 7.39
C THR A 171 4.65 -6.80 8.91
N ALA A 172 4.23 -5.78 9.63
CA ALA A 172 4.56 -5.64 11.06
C ALA A 172 3.87 -6.72 11.91
N ASP A 173 2.75 -7.28 11.44
CA ASP A 173 2.05 -8.33 12.20
C ASP A 173 2.56 -9.73 11.87
N ARG A 174 3.67 -9.83 11.13
CA ARG A 174 4.25 -11.11 10.67
C ARG A 174 5.73 -11.20 11.06
N VAL A 175 6.28 -12.39 10.93
CA VAL A 175 7.70 -12.67 11.22
C VAL A 175 8.44 -12.88 9.91
N PRO A 176 9.77 -12.65 9.86
CA PRO A 176 10.57 -12.16 10.96
C PRO A 176 10.56 -10.64 11.09
N CYS A 177 10.64 -10.18 12.34
CA CYS A 177 10.54 -8.76 12.70
C CYS A 177 11.93 -8.13 12.63
N ILE A 178 12.47 -8.08 11.42
CA ILE A 178 13.85 -7.61 11.13
C ILE A 178 13.79 -6.80 9.83
N TYR A 179 14.84 -6.06 9.57
CA TYR A 179 15.00 -5.33 8.29
C TYR A 179 16.03 -6.02 7.42
N ILE A 180 15.84 -5.88 6.12
CA ILE A 180 16.74 -6.39 5.06
C ILE A 180 17.30 -5.17 4.34
N GLU A 181 18.62 -5.07 4.31
CA GLU A 181 19.33 -3.97 3.62
C GLU A 181 20.10 -4.64 2.47
N ASN A 182 19.70 -4.38 1.24
CA ASN A 182 20.35 -4.96 0.05
C ASN A 182 20.65 -6.45 0.28
N GLY A 183 19.63 -7.26 0.54
CA GLY A 183 19.86 -8.73 0.52
C GLY A 183 20.53 -9.33 1.78
N LYS A 184 20.86 -8.54 2.80
CA LYS A 184 21.32 -9.11 4.09
C LYS A 184 20.47 -8.53 5.23
N VAL A 185 20.39 -9.25 6.32
CA VAL A 185 19.70 -8.78 7.53
C VAL A 185 20.47 -7.59 8.11
N ALA A 186 19.78 -6.46 8.29
CA ALA A 186 20.31 -5.29 9.00
C ALA A 186 20.37 -5.53 10.55
N ASP A 187 21.74 -5.30 10.85
CA ASP A 187 22.25 -5.39 12.23
C ASP A 187 22.22 -6.86 12.62
N TYR A 188 22.54 -7.73 11.67
CA TYR A 188 22.52 -9.19 11.91
C TYR A 188 23.32 -9.50 13.18
N ASP A 189 22.78 -10.39 14.01
CA ASP A 189 23.38 -10.76 15.32
C ASP A 189 23.72 -12.26 15.30
N SER A 190 25.00 -12.59 15.14
CA SER A 190 25.46 -13.99 15.01
C SER A 190 25.26 -14.75 16.33
N THR A 191 25.03 -14.05 17.44
CA THR A 191 24.81 -14.69 18.76
C THR A 191 23.35 -15.18 18.86
N ALA A 192 22.48 -14.75 17.95
CA ALA A 192 21.03 -15.07 17.95
C ALA A 192 20.58 -15.40 16.55
N PRO A 193 21.05 -16.54 16.00
CA PRO A 193 20.70 -16.94 14.65
C PRO A 193 19.18 -17.04 14.49
N ILE A 194 18.72 -16.69 13.30
CA ILE A 194 17.27 -16.52 13.01
C ILE A 194 16.72 -17.79 12.40
N GLU A 195 15.56 -18.20 12.87
CA GLU A 195 14.76 -19.28 12.23
C GLU A 195 13.31 -18.80 12.18
N VAL A 196 12.63 -19.14 11.10
CA VAL A 196 11.23 -18.73 10.84
C VAL A 196 10.45 -19.96 10.40
N SER A 197 9.23 -20.12 10.91
CA SER A 197 8.29 -21.13 10.40
C SER A 197 6.87 -20.59 10.49
N TYR A 198 6.09 -20.79 9.44
CA TYR A 198 4.64 -20.52 9.44
C TYR A 198 3.85 -21.81 9.67
N GLN A 199 4.52 -22.94 9.93
CA GLN A 199 3.84 -24.25 10.06
C GLN A 199 3.97 -24.80 11.48
N LYS A 200 5.10 -24.58 12.15
CA LYS A 200 5.48 -25.34 13.37
C LYS A 200 6.12 -24.40 14.37
N PRO A 201 5.67 -24.39 15.64
CA PRO A 201 6.33 -23.59 16.66
C PRO A 201 7.73 -24.14 17.00
N PHE A 202 8.58 -23.25 17.51
CA PHE A 202 9.93 -23.61 18.02
C PHE A 202 9.80 -24.02 19.49
N GLU A 203 10.23 -25.23 19.80
CA GLU A 203 10.19 -25.74 21.18
C GLU A 203 10.91 -24.76 22.11
N GLY A 204 10.27 -24.40 23.22
CA GLY A 204 10.87 -23.57 24.27
C GLY A 204 10.61 -22.09 24.08
N GLU A 205 10.16 -21.65 22.89
CA GLU A 205 9.84 -20.23 22.67
C GLU A 205 8.44 -19.98 23.22
N PRO A 206 8.21 -18.83 23.86
CA PRO A 206 6.86 -18.47 24.30
C PRO A 206 5.99 -18.15 23.10
N THR A 207 4.68 -18.18 23.28
CA THR A 207 3.72 -17.72 22.25
C THR A 207 2.72 -16.76 22.87
N GLY A 208 2.13 -15.92 22.03
CA GLY A 208 1.10 -15.01 22.56
C GLY A 208 -0.06 -15.76 23.17
N ARG A 209 -0.44 -16.89 22.57
CA ARG A 209 -1.58 -17.70 23.05
C ARG A 209 -1.26 -18.30 24.43
N LYS A 210 -0.08 -18.85 24.60
CA LYS A 210 0.29 -19.57 25.84
C LYS A 210 0.74 -18.59 26.93
N ASN A 211 1.29 -17.45 26.54
CA ASN A 211 2.02 -16.57 27.48
C ASN A 211 1.58 -15.13 27.32
N PRO A 212 0.28 -14.82 27.55
CA PRO A 212 -0.16 -13.43 27.44
C PRO A 212 0.54 -12.50 28.45
N GLU A 213 1.08 -13.07 29.52
CA GLU A 213 1.85 -12.30 30.52
C GLU A 213 3.09 -11.64 29.91
N LEU A 214 3.58 -12.16 28.78
CA LEU A 214 4.78 -11.60 28.09
C LEU A 214 4.40 -10.52 27.09
N LEU A 215 3.11 -10.26 26.89
CA LEU A 215 2.66 -9.23 25.93
C LEU A 215 2.55 -7.89 26.66
N TYR A 216 3.70 -7.30 26.96
CA TYR A 216 3.76 -6.10 27.84
C TYR A 216 3.35 -4.85 27.04
N ASN A 217 3.30 -4.91 25.71
CA ASN A 217 2.90 -3.72 24.92
C ASN A 217 1.48 -3.82 24.35
N LEU A 218 1.07 -4.97 23.84
N LEU A 218 1.10 -4.95 23.76
CA LEU A 218 -0.21 -5.02 23.10
CA LEU A 218 -0.22 -5.11 23.10
C LEU A 218 -0.66 -6.47 22.97
C LEU A 218 -0.69 -6.55 23.18
N LYS A 219 -1.95 -6.69 23.18
N LYS A 219 -2.01 -6.72 23.28
CA LYS A 219 -2.55 -8.04 23.13
CA LYS A 219 -2.69 -8.03 23.20
C LYS A 219 -3.34 -8.16 21.83
C LYS A 219 -3.34 -8.16 21.84
N PRO A 220 -3.49 -9.40 21.32
CA PRO A 220 -4.20 -9.63 20.07
C PRO A 220 -5.72 -9.60 20.26
N SER A 221 -6.42 -9.42 19.15
CA SER A 221 -7.89 -9.61 19.09
C SER A 221 -8.10 -10.97 18.45
N HIS A 222 -8.14 -11.04 17.12
CA HIS A 222 -8.31 -12.30 16.38
C HIS A 222 -6.94 -12.79 15.90
N GLY A 223 -6.67 -14.07 16.09
CA GLY A 223 -5.39 -14.66 15.69
C GLY A 223 -4.23 -13.90 16.30
N HIS A 224 -3.16 -13.71 15.53
CA HIS A 224 -2.07 -12.80 15.92
C HIS A 224 -1.47 -13.21 17.27
N ASP A 225 -1.37 -14.51 17.53
CA ASP A 225 -1.08 -15.02 18.90
C ASP A 225 0.07 -16.03 18.85
N MET A 226 1.02 -15.83 17.95
CA MET A 226 2.13 -16.78 17.75
C MET A 226 3.40 -16.14 18.29
N ALA A 227 4.41 -15.87 17.48
CA ALA A 227 5.70 -15.34 18.00
C ALA A 227 5.48 -14.06 18.80
N ILE A 228 6.34 -13.84 19.79
CA ILE A 228 6.38 -12.59 20.57
C ILE A 228 7.66 -11.84 20.23
N VAL A 229 7.52 -10.59 19.82
CA VAL A 229 8.65 -9.66 19.62
C VAL A 229 8.25 -8.33 20.23
N ASN A 230 9.13 -7.71 21.02
CA ASN A 230 8.85 -6.36 21.55
C ASN A 230 7.51 -6.33 22.30
N GLY A 231 7.16 -7.39 23.02
CA GLY A 231 5.94 -7.38 23.85
C GLY A 231 4.64 -7.37 23.05
N ILE A 232 4.70 -7.78 21.79
CA ILE A 232 3.54 -7.84 20.87
C ILE A 232 3.62 -9.16 20.11
N SER A 233 2.52 -9.89 20.05
CA SER A 233 2.49 -11.17 19.33
C SER A 233 2.20 -10.93 17.85
N ARG A 234 2.55 -11.93 17.06
CA ARG A 234 2.60 -11.85 15.58
C ARG A 234 1.95 -13.10 14.98
N ILE A 235 1.82 -13.09 13.67
CA ILE A 235 1.51 -14.28 12.84
C ILE A 235 2.83 -14.96 12.49
N GLY A 236 2.85 -16.27 12.68
CA GLY A 236 4.05 -17.07 12.42
C GLY A 236 4.94 -17.19 13.62
N TYR A 237 5.87 -18.12 13.55
CA TYR A 237 6.80 -18.47 14.64
C TYR A 237 8.22 -18.08 14.25
N MET A 238 9.00 -17.64 15.22
N MET A 238 8.98 -17.60 15.23
CA MET A 238 10.43 -17.36 14.95
CA MET A 238 10.38 -17.16 15.05
C MET A 238 11.25 -17.58 16.21
C MET A 238 11.24 -17.64 16.22
N LYS A 239 12.54 -17.77 15.98
CA LYS A 239 13.54 -17.93 17.05
C LYS A 239 14.72 -17.05 16.66
N GLY A 240 15.33 -16.45 17.67
CA GLY A 240 16.52 -15.61 17.48
C GLY A 240 16.19 -14.24 16.94
N GLY A 241 17.22 -13.60 16.41
CA GLY A 241 17.18 -12.21 15.92
C GLY A 241 18.08 -11.29 16.73
N GLY A 242 17.98 -11.32 18.05
CA GLY A 242 18.86 -10.50 18.91
C GLY A 242 18.77 -9.03 18.51
N LYS A 243 19.92 -8.41 18.29
CA LYS A 243 20.08 -6.96 17.99
C LYS A 243 19.36 -6.59 16.68
N ALA A 244 19.05 -7.56 15.83
CA ALA A 244 18.39 -7.30 14.53
C ALA A 244 16.87 -7.12 14.68
N LEU A 245 16.30 -7.53 15.81
CA LEU A 245 14.84 -7.40 15.97
C LEU A 245 14.45 -5.93 16.04
N TRP A 246 13.36 -5.57 15.36
CA TRP A 246 12.82 -4.20 15.40
C TRP A 246 12.10 -3.94 16.72
N LYS A 247 11.96 -2.66 17.02
CA LYS A 247 10.98 -2.15 18.00
C LYS A 247 9.93 -1.35 17.24
N ASP A 248 8.67 -1.73 17.37
CA ASP A 248 7.56 -1.14 16.58
C ASP A 248 7.54 0.40 16.72
N GLU A 249 7.76 0.91 17.92
CA GLU A 249 7.66 2.36 18.16
C GLU A 249 8.72 3.13 17.39
N ASN A 250 9.78 2.45 16.94
CA ASN A 250 10.88 3.11 16.19
C ASN A 250 10.82 2.84 14.70
N ILE A 251 9.85 2.08 14.20
CA ILE A 251 9.84 1.72 12.75
C ILE A 251 9.73 2.99 11.91
N ALA A 252 8.77 3.86 12.20
CA ALA A 252 8.59 5.07 11.38
C ALA A 252 9.89 5.88 11.40
N ASP A 253 10.52 6.03 12.56
CA ASP A 253 11.76 6.84 12.63
C ASP A 253 12.85 6.19 11.77
N THR A 254 12.99 4.88 11.88
CA THR A 254 14.04 4.15 11.16
C THR A 254 13.85 4.28 9.64
N ILE A 255 12.65 3.97 9.16
CA ILE A 255 12.47 3.95 7.69
C ILE A 255 12.51 5.38 7.16
N THR A 256 12.00 6.34 7.94
CA THR A 256 12.01 7.75 7.50
C THR A 256 13.46 8.25 7.43
N SER A 257 14.27 7.91 8.43
N SER A 257 14.27 7.91 8.43
N SER A 257 14.28 7.89 8.41
CA SER A 257 15.70 8.29 8.44
CA SER A 257 15.70 8.28 8.45
CA SER A 257 15.70 8.29 8.46
C SER A 257 16.40 7.70 7.21
C SER A 257 16.42 7.70 7.22
C SER A 257 16.47 7.68 7.29
N HIS A 258 16.12 6.45 6.87
CA HIS A 258 16.74 5.82 5.68
C HIS A 258 16.26 6.53 4.41
N ALA A 259 15.01 6.93 4.33
CA ALA A 259 14.48 7.65 3.15
C ALA A 259 15.22 8.99 3.02
N ILE A 260 15.39 9.72 4.11
CA ILE A 260 16.11 11.01 4.11
C ILE A 260 17.55 10.78 3.63
N ARG A 261 18.21 9.73 4.12
CA ARG A 261 19.62 9.46 3.74
C ARG A 261 19.69 9.16 2.25
N PHE A 262 18.74 8.41 1.70
CA PHE A 262 18.73 8.09 0.25
C PHE A 262 18.61 9.39 -0.54
N ILE A 263 17.69 10.27 -0.14
CA ILE A 263 17.51 11.58 -0.84
C ILE A 263 18.83 12.36 -0.76
N GLU A 264 19.39 12.46 0.44
CA GLU A 264 20.60 13.30 0.64
C GLU A 264 21.79 12.75 -0.14
N GLU A 265 21.99 11.42 -0.14
CA GLU A 265 23.13 10.81 -0.85
C GLU A 265 22.97 11.03 -2.37
N ASN A 266 21.74 11.21 -2.86
CA ASN A 266 21.41 11.37 -4.29
C ASN A 266 21.00 12.80 -4.64
N LYS A 267 21.34 13.79 -3.81
CA LYS A 267 20.83 15.16 -4.02
C LYS A 267 21.35 15.76 -5.33
N GLU A 268 22.47 15.27 -5.87
CA GLU A 268 23.07 15.87 -7.09
C GLU A 268 22.66 15.13 -8.36
N ARG A 269 21.78 14.13 -8.29
CA ARG A 269 21.43 13.34 -9.51
C ARG A 269 19.99 12.90 -9.45
N PRO A 270 19.39 12.55 -10.60
CA PRO A 270 17.98 12.15 -10.59
C PRO A 270 17.79 10.84 -9.83
N PHE A 271 16.79 10.81 -8.96
CA PHE A 271 16.47 9.58 -8.21
C PHE A 271 14.96 9.32 -8.24
N PHE A 272 14.66 8.04 -8.08
CA PHE A 272 13.32 7.50 -7.84
C PHE A 272 13.37 6.80 -6.49
N LEU A 273 12.54 7.26 -5.55
CA LEU A 273 12.37 6.64 -4.23
C LEU A 273 10.94 6.12 -4.10
N TYR A 274 10.83 4.83 -3.85
CA TYR A 274 9.58 4.16 -3.44
C TYR A 274 9.64 4.04 -1.92
N PHE A 275 8.93 4.94 -1.24
CA PHE A 275 8.91 5.04 0.23
C PHE A 275 7.56 4.54 0.71
N ALA A 276 7.54 3.34 1.23
CA ALA A 276 6.30 2.64 1.62
C ALA A 276 6.27 2.58 3.14
N THR A 277 5.38 3.32 3.76
CA THR A 277 5.35 3.40 5.23
C THR A 277 4.82 2.10 5.84
N ASN A 278 5.19 1.86 7.09
CA ASN A 278 4.50 0.82 7.88
C ASN A 278 3.08 1.31 8.21
N ASP A 279 2.96 2.58 8.56
CA ASP A 279 1.65 3.14 8.98
C ASP A 279 0.69 3.04 7.80
N VAL A 280 -0.57 2.69 8.04
CA VAL A 280 -1.22 2.52 9.34
C VAL A 280 -1.51 1.04 9.63
N HIS A 281 -0.67 0.16 9.11
CA HIS A 281 -0.85 -1.30 9.28
C HIS A 281 -0.74 -1.70 10.75
N VAL A 282 -1.47 -2.73 11.14
CA VAL A 282 -1.32 -3.33 12.49
C VAL A 282 0.00 -4.08 12.63
N PRO A 283 0.50 -4.24 13.86
CA PRO A 283 0.05 -3.52 15.05
C PRO A 283 0.45 -2.05 14.98
N ARG A 284 -0.49 -1.18 15.34
CA ARG A 284 -0.15 0.24 15.50
C ARG A 284 0.45 0.41 16.89
N PHE A 285 1.68 0.84 16.99
CA PHE A 285 2.36 1.09 18.27
C PHE A 285 3.35 2.20 18.06
N PRO A 286 2.86 3.46 17.92
CA PRO A 286 3.73 4.52 17.44
C PRO A 286 4.76 5.00 18.45
N HIS A 287 5.70 5.78 17.94
CA HIS A 287 6.68 6.48 18.77
C HIS A 287 5.98 7.27 19.87
N GLU A 288 6.66 7.38 21.01
N GLU A 288 6.63 7.40 21.02
CA GLU A 288 6.18 8.11 22.20
CA GLU A 288 6.04 8.10 22.18
C GLU A 288 5.89 9.57 21.88
C GLU A 288 5.94 9.61 21.94
N ARG A 289 6.50 10.17 20.86
CA ARG A 289 6.15 11.58 20.56
C ARG A 289 4.68 11.65 20.12
N PHE A 290 4.09 10.55 19.69
CA PHE A 290 2.67 10.51 19.26
C PHE A 290 1.78 9.70 20.20
N ARG A 291 2.31 8.64 20.81
N ARG A 291 2.31 8.63 20.79
CA ARG A 291 1.47 7.54 21.32
CA ARG A 291 1.45 7.54 21.33
C ARG A 291 0.61 8.01 22.50
C ARG A 291 0.59 8.07 22.47
N GLY A 292 -0.69 7.72 22.44
CA GLY A 292 -1.63 8.06 23.52
C GLY A 292 -2.25 9.43 23.38
N LYS A 293 -1.94 10.20 22.35
CA LYS A 293 -2.37 11.61 22.25
C LYS A 293 -3.66 11.78 21.45
N ASN A 294 -3.96 10.89 20.51
CA ASN A 294 -5.16 11.02 19.67
C ASN A 294 -6.30 10.20 20.28
N PRO A 295 -7.53 10.78 20.39
CA PRO A 295 -8.62 10.07 21.06
C PRO A 295 -9.19 8.85 20.34
N MET A 296 -8.77 8.61 19.09
CA MET A 296 -9.14 7.38 18.37
C MET A 296 -8.21 6.23 18.79
N GLY A 297 -7.27 6.49 19.69
CA GLY A 297 -6.36 5.44 20.17
C GLY A 297 -5.18 5.23 19.23
N LEU A 298 -4.53 4.08 19.38
CA LEU A 298 -3.30 3.78 18.63
C LEU A 298 -3.52 3.91 17.12
N ARG A 299 -4.71 3.58 16.61
CA ARG A 299 -4.95 3.73 15.14
C ARG A 299 -4.87 5.22 14.77
N GLY A 300 -5.45 6.11 15.57
CA GLY A 300 -5.35 7.55 15.30
C GLY A 300 -3.91 8.02 15.40
N ASP A 301 -3.18 7.53 16.41
CA ASP A 301 -1.77 7.91 16.58
C ASP A 301 -0.95 7.48 15.36
N ALA A 302 -1.32 6.37 14.74
CA ALA A 302 -0.61 5.89 13.54
C ALA A 302 -0.81 6.84 12.36
N ILE A 303 -2.01 7.42 12.23
CA ILE A 303 -2.27 8.44 11.18
C ILE A 303 -1.37 9.65 11.44
N VAL A 304 -1.29 10.09 12.69
CA VAL A 304 -0.41 11.23 13.07
C VAL A 304 1.04 10.90 12.70
N GLN A 305 1.47 9.68 12.99
CA GLN A 305 2.85 9.24 12.69
C GLN A 305 3.10 9.22 11.18
N PHE A 306 2.14 8.76 10.41
CA PHE A 306 2.25 8.82 8.94
C PHE A 306 2.48 10.26 8.50
N ASP A 307 1.64 11.17 8.99
CA ASP A 307 1.74 12.59 8.62
C ASP A 307 3.12 13.13 9.00
N TRP A 308 3.63 12.75 10.16
CA TRP A 308 4.98 13.17 10.58
C TRP A 308 6.04 12.70 9.57
N SER A 309 5.95 11.45 9.13
CA SER A 309 6.94 10.94 8.16
C SER A 309 6.90 11.77 6.89
N VAL A 310 5.70 12.09 6.41
CA VAL A 310 5.54 12.92 5.19
C VAL A 310 6.23 14.26 5.44
N GLY A 311 5.98 14.86 6.61
CA GLY A 311 6.63 16.13 6.95
C GLY A 311 8.14 16.04 6.94
N GLU A 312 8.70 14.92 7.40
CA GLU A 312 10.17 14.77 7.44
C GLU A 312 10.73 14.76 6.01
N ILE A 313 10.04 14.09 5.09
CA ILE A 313 10.47 14.08 3.67
C ILE A 313 10.39 15.52 3.14
N MET A 314 9.28 16.20 3.37
CA MET A 314 9.09 17.58 2.85
C MET A 314 10.19 18.49 3.40
N LYS A 315 10.52 18.36 4.69
CA LYS A 315 11.57 19.22 5.31
C LYS A 315 12.92 18.97 4.64
N THR A 316 13.26 17.72 4.34
N THR A 316 13.23 17.71 4.36
CA THR A 316 14.58 17.43 3.72
CA THR A 316 14.49 17.28 3.70
C THR A 316 14.60 17.97 2.29
C THR A 316 14.58 17.93 2.30
N LEU A 317 13.52 17.85 1.51
CA LEU A 317 13.52 18.43 0.15
C LEU A 317 13.71 19.94 0.23
N ASP A 318 13.07 20.60 1.19
CA ASP A 318 13.24 22.08 1.35
C ASP A 318 14.69 22.40 1.75
N ARG A 319 15.24 21.64 2.69
CA ARG A 319 16.61 21.88 3.20
C ARG A 319 17.63 21.77 2.07
N LEU A 320 17.40 20.85 1.13
CA LEU A 320 18.35 20.55 0.04
C LEU A 320 17.99 21.29 -1.25
N GLY A 321 16.96 22.12 -1.26
CA GLY A 321 16.57 22.86 -2.48
C GLY A 321 16.07 21.94 -3.59
N LEU A 322 15.42 20.83 -3.23
CA LEU A 322 14.94 19.82 -4.20
C LEU A 322 13.43 19.92 -4.41
N THR A 323 12.74 20.76 -3.65
CA THR A 323 11.25 20.79 -3.67
C THR A 323 10.70 21.06 -5.07
N GLU A 324 11.23 22.08 -5.76
CA GLU A 324 10.61 22.58 -7.01
C GLU A 324 10.61 21.46 -8.05
N ASN A 325 11.70 20.69 -8.14
CA ASN A 325 11.90 19.73 -9.25
C ASN A 325 11.76 18.30 -8.72
N THR A 326 10.94 18.08 -7.72
CA THR A 326 10.61 16.71 -7.22
C THR A 326 9.11 16.50 -7.36
N LEU A 327 8.73 15.44 -8.05
CA LEU A 327 7.33 14.97 -8.12
C LEU A 327 7.10 14.02 -6.95
N ILE A 328 6.19 14.38 -6.05
CA ILE A 328 5.70 13.48 -4.98
C ILE A 328 4.31 12.99 -5.37
N ILE A 329 4.16 11.68 -5.39
CA ILE A 329 2.85 11.02 -5.51
C ILE A 329 2.61 10.32 -4.18
N LEU A 330 1.64 10.78 -3.39
CA LEU A 330 1.30 10.16 -2.11
C LEU A 330 -0.02 9.43 -2.28
N SER A 331 -0.07 8.17 -1.89
CA SER A 331 -1.33 7.41 -1.95
C SER A 331 -1.29 6.28 -0.91
N SER A 332 -2.19 5.33 -1.07
CA SER A 332 -2.33 4.16 -0.18
C SER A 332 -2.50 2.94 -1.07
N ASP A 333 -2.08 1.78 -0.58
CA ASP A 333 -2.22 0.55 -1.38
C ASP A 333 -3.66 0.06 -1.44
N ASN A 334 -4.46 0.32 -0.41
CA ASN A 334 -5.83 -0.21 -0.32
C ASN A 334 -6.55 0.50 0.81
N GLY A 335 -7.82 0.17 0.95
CA GLY A 335 -8.68 0.84 1.92
C GLY A 335 -8.47 0.33 3.34
N PRO A 336 -9.28 0.88 4.26
CA PRO A 336 -8.97 0.80 5.69
C PRO A 336 -9.65 -0.33 6.43
N VAL A 337 -9.12 -0.57 7.63
CA VAL A 337 -9.66 -1.58 8.56
C VAL A 337 -9.48 -1.03 9.97
N LEU A 338 -10.52 -1.16 10.79
CA LEU A 338 -10.43 -0.75 12.19
C LEU A 338 -9.72 -1.84 12.98
N ASP A 339 -10.34 -2.99 13.21
CA ASP A 339 -9.71 -4.11 13.94
C ASP A 339 -9.12 -5.11 12.94
N ASP A 340 -7.81 -5.08 12.79
CA ASP A 340 -7.11 -6.00 11.86
C ASP A 340 -6.25 -6.98 12.65
N GLY A 341 -6.47 -7.15 13.96
CA GLY A 341 -5.86 -8.26 14.69
C GLY A 341 -5.39 -7.95 16.09
N TYR A 342 -5.44 -6.69 16.54
CA TYR A 342 -4.97 -6.33 17.89
C TYR A 342 -6.09 -5.66 18.68
N ASP A 343 -5.99 -5.86 20.00
CA ASP A 343 -6.90 -5.25 20.99
C ASP A 343 -6.42 -3.81 21.23
N ASP A 344 -6.76 -2.93 20.30
CA ASP A 344 -6.32 -1.51 20.31
C ASP A 344 -7.52 -0.56 20.33
N LYS A 345 -8.72 -1.08 20.57
CA LYS A 345 -9.95 -0.26 20.77
C LYS A 345 -10.30 0.54 19.50
N ALA A 346 -9.84 0.14 18.32
CA ALA A 346 -10.09 0.94 17.11
C ALA A 346 -11.59 1.14 16.86
N VAL A 347 -12.40 0.09 17.01
CA VAL A 347 -13.85 0.21 16.74
C VAL A 347 -14.50 1.11 17.81
N GLU A 348 -14.21 0.88 19.09
CA GLU A 348 -14.77 1.61 20.27
C GLU A 348 -14.49 3.11 20.13
N LEU A 349 -13.29 3.46 19.64
CA LEU A 349 -12.78 4.85 19.70
C LEU A 349 -12.92 5.59 18.36
N ALA A 350 -13.41 4.96 17.30
CA ALA A 350 -13.50 5.66 16.00
C ALA A 350 -14.47 6.85 16.10
N GLY A 351 -15.57 6.65 16.79
CA GLY A 351 -16.59 7.71 16.91
C GLY A 351 -17.08 8.15 15.55
N SER A 352 -17.05 9.45 15.28
CA SER A 352 -17.53 10.03 14.00
C SER A 352 -16.58 9.74 12.84
N HIS A 353 -15.38 9.27 13.14
CA HIS A 353 -14.35 9.06 12.08
C HIS A 353 -14.74 7.89 11.19
N LYS A 354 -14.95 8.17 9.92
CA LYS A 354 -15.26 7.14 8.90
C LYS A 354 -14.01 6.94 8.07
N PRO A 355 -13.21 5.87 8.34
N PRO A 355 -13.22 5.85 8.29
CA PRO A 355 -11.98 5.68 7.57
CA PRO A 355 -11.96 5.70 7.57
C PRO A 355 -12.20 5.56 6.05
C PRO A 355 -12.18 5.53 6.06
N GLY A 356 -13.36 5.05 5.65
CA GLY A 356 -13.72 4.90 4.24
C GLY A 356 -14.35 6.16 3.65
N GLY A 357 -14.41 7.25 4.42
CA GLY A 357 -15.02 8.48 3.90
C GLY A 357 -16.49 8.24 3.59
N PRO A 358 -16.94 8.55 2.36
CA PRO A 358 -18.34 8.39 2.00
C PRO A 358 -18.67 6.98 1.49
N PHE A 359 -17.66 6.11 1.42
CA PHE A 359 -17.79 4.82 0.69
C PHE A 359 -18.08 3.65 1.63
N ARG A 360 -18.72 2.64 1.06
CA ARG A 360 -19.03 1.37 1.74
C ARG A 360 -17.81 0.43 1.69
N GLY A 361 -17.74 -0.49 2.65
CA GLY A 361 -16.69 -1.51 2.67
C GLY A 361 -15.42 -1.00 3.35
N GLY A 362 -14.29 -1.53 2.91
CA GLY A 362 -12.98 -1.30 3.49
C GLY A 362 -11.97 -2.23 2.87
N LYS A 363 -10.84 -2.38 3.53
CA LYS A 363 -9.86 -3.41 3.16
C LYS A 363 -10.61 -4.72 2.92
N TYR A 364 -10.14 -5.46 1.90
N TYR A 364 -10.15 -5.54 1.96
CA TYR A 364 -10.59 -6.83 1.51
CA TYR A 364 -10.69 -6.90 1.68
C TYR A 364 -11.80 -6.76 0.56
C TYR A 364 -12.09 -6.86 1.04
N SER A 365 -12.59 -5.68 0.64
CA SER A 365 -13.93 -5.56 0.03
C SER A 365 -13.89 -5.32 -1.48
N ALA A 366 -15.01 -5.63 -2.13
CA ALA A 366 -15.31 -5.21 -3.52
C ALA A 366 -15.98 -3.83 -3.54
N PHE A 367 -16.53 -3.37 -2.43
CA PHE A 367 -17.13 -2.02 -2.40
C PHE A 367 -16.01 -0.96 -2.51
N GLU A 368 -16.40 0.26 -2.83
CA GLU A 368 -15.47 1.34 -3.23
C GLU A 368 -14.44 1.68 -2.12
N ALA A 369 -14.75 1.56 -0.84
CA ALA A 369 -13.74 1.91 0.18
C ALA A 369 -12.56 0.93 0.12
N GLY A 370 -12.70 -0.20 -0.55
CA GLY A 370 -11.56 -1.12 -0.70
C GLY A 370 -10.47 -0.56 -1.60
N THR A 371 -10.81 0.18 -2.65
CA THR A 371 -9.82 0.62 -3.65
C THR A 371 -9.78 2.12 -3.86
N CYS A 372 -10.80 2.88 -3.47
N CYS A 372 -10.84 2.86 -3.50
CA CYS A 372 -10.75 4.34 -3.68
CA CYS A 372 -10.86 4.34 -3.49
C CYS A 372 -9.98 4.93 -2.50
C CYS A 372 -9.91 4.83 -2.40
N VAL A 373 -8.79 5.44 -2.78
CA VAL A 373 -7.75 5.76 -1.77
C VAL A 373 -7.41 7.23 -1.85
N PRO A 374 -6.85 7.81 -0.77
CA PRO A 374 -6.32 9.17 -0.88
C PRO A 374 -5.22 9.17 -1.92
N ALA A 375 -5.07 10.30 -2.60
CA ALA A 375 -3.99 10.48 -3.57
C ALA A 375 -3.71 11.96 -3.73
N ILE A 376 -2.45 12.33 -3.54
CA ILE A 376 -1.99 13.73 -3.62
C ILE A 376 -0.77 13.79 -4.53
N VAL A 377 -0.73 14.76 -5.41
CA VAL A 377 0.45 15.04 -6.27
C VAL A 377 0.97 16.44 -5.95
N ARG A 378 2.26 16.55 -5.68
CA ARG A 378 2.94 17.87 -5.60
C ARG A 378 4.16 17.81 -6.52
N TYR A 379 4.27 18.78 -7.41
CA TYR A 379 5.40 18.86 -8.35
C TYR A 379 5.46 20.31 -8.79
N PRO A 380 6.06 21.21 -7.99
CA PRO A 380 5.82 22.64 -8.17
C PRO A 380 6.21 23.19 -9.55
N ALA A 381 7.21 22.60 -10.20
CA ALA A 381 7.67 23.05 -11.53
C ALA A 381 6.55 22.91 -12.56
N GLN A 382 5.62 21.94 -12.40
CA GLN A 382 4.67 21.57 -13.48
C GLN A 382 3.21 21.54 -13.03
N VAL A 383 2.93 21.48 -11.74
CA VAL A 383 1.56 21.25 -11.20
C VAL A 383 1.11 22.47 -10.40
N LYS A 384 -0.02 23.05 -10.80
CA LYS A 384 -0.58 24.26 -10.14
C LYS A 384 -1.03 23.88 -8.73
N LYS A 385 -0.95 24.83 -7.80
CA LYS A 385 -1.34 24.63 -6.38
C LYS A 385 -2.86 24.63 -6.24
N ASN A 386 -3.35 24.06 -5.14
N ASN A 386 -3.34 24.10 -5.11
CA ASN A 386 -4.71 24.29 -4.60
CA ASN A 386 -4.72 24.28 -4.60
C ASN A 386 -5.78 23.64 -5.48
C ASN A 386 -5.73 23.70 -5.59
N GLN A 387 -5.46 22.51 -6.10
CA GLN A 387 -6.41 21.83 -7.01
C GLN A 387 -7.10 20.67 -6.28
N THR A 388 -8.35 20.42 -6.63
CA THR A 388 -9.12 19.25 -6.17
C THR A 388 -9.75 18.64 -7.42
N LEU A 389 -9.34 17.43 -7.80
CA LEU A 389 -9.74 16.84 -9.10
C LEU A 389 -10.40 15.48 -8.89
N ASN A 390 -11.56 15.26 -9.54
N ASN A 390 -11.53 15.27 -9.56
CA ASN A 390 -12.33 14.00 -9.42
CA ASN A 390 -12.34 14.02 -9.45
C ASN A 390 -12.07 13.08 -10.62
C ASN A 390 -12.09 13.11 -10.65
N THR A 391 -10.98 13.28 -11.35
CA THR A 391 -10.64 12.45 -12.52
C THR A 391 -10.56 10.98 -12.10
N LEU A 392 -11.19 10.11 -12.86
CA LEU A 392 -11.10 8.66 -12.63
C LEU A 392 -9.71 8.18 -13.05
N LEU A 393 -8.94 7.68 -12.09
CA LEU A 393 -7.53 7.30 -12.31
C LEU A 393 -7.25 5.99 -11.58
N SER A 394 -6.23 5.27 -12.03
CA SER A 394 -5.79 4.00 -11.41
C SER A 394 -4.27 3.98 -11.23
N GLN A 395 -3.82 3.43 -10.11
CA GLN A 395 -2.39 3.26 -9.81
C GLN A 395 -1.71 2.35 -10.85
N ILE A 396 -2.46 1.51 -11.58
CA ILE A 396 -1.86 0.64 -12.63
C ILE A 396 -1.11 1.53 -13.64
N ASP A 397 -1.52 2.78 -13.79
CA ASP A 397 -1.00 3.69 -14.85
C ASP A 397 0.27 4.41 -14.43
N TRP A 398 0.75 4.24 -13.20
CA TRP A 398 1.97 4.97 -12.79
C TRP A 398 3.17 4.62 -13.68
N ILE A 399 3.40 3.35 -13.99
CA ILE A 399 4.65 2.99 -14.70
C ILE A 399 4.64 3.61 -16.11
N GLN A 400 3.54 3.52 -16.87
CA GLN A 400 3.53 4.10 -18.24
C GLN A 400 3.48 5.64 -18.17
N SER A 401 2.75 6.19 -17.20
CA SER A 401 2.65 7.66 -17.07
C SER A 401 4.03 8.24 -16.73
N LEU A 402 4.74 7.61 -15.80
CA LEU A 402 6.08 8.11 -15.41
C LEU A 402 7.09 7.80 -16.52
N ALA A 403 6.89 6.76 -17.33
CA ALA A 403 7.76 6.53 -18.50
C ALA A 403 7.63 7.71 -19.45
N SER A 404 6.43 8.25 -19.65
CA SER A 404 6.22 9.44 -20.49
C SER A 404 7.00 10.62 -19.88
N LEU A 405 6.91 10.81 -18.56
CA LEU A 405 7.58 11.95 -17.89
C LEU A 405 9.08 11.90 -18.16
N VAL A 406 9.68 10.70 -18.07
CA VAL A 406 11.16 10.57 -18.12
C VAL A 406 11.64 10.12 -19.51
N ASN A 407 10.74 10.08 -20.50
N ASN A 407 10.75 10.10 -20.52
CA ASN A 407 11.05 9.86 -21.94
CA ASN A 407 11.11 9.87 -21.94
C ASN A 407 11.62 8.46 -22.17
C ASN A 407 11.70 8.46 -22.11
N VAL A 408 11.07 7.46 -21.49
CA VAL A 408 11.42 6.02 -21.67
C VAL A 408 10.29 5.37 -22.47
N THR A 409 10.62 4.62 -23.52
CA THR A 409 9.67 3.73 -24.22
C THR A 409 9.77 2.35 -23.59
N ILE A 410 8.74 1.95 -22.86
CA ILE A 410 8.69 0.61 -22.23
C ILE A 410 8.70 -0.44 -23.35
N PRO A 411 9.52 -1.51 -23.22
CA PRO A 411 9.58 -2.52 -24.26
C PRO A 411 8.23 -3.19 -24.52
N GLN A 412 8.04 -3.67 -25.75
CA GLN A 412 6.81 -4.37 -26.20
C GLN A 412 6.45 -5.45 -25.17
N SER A 413 5.16 -5.52 -24.81
N SER A 413 5.16 -5.53 -24.81
CA SER A 413 4.53 -6.58 -23.98
CA SER A 413 4.55 -6.59 -23.98
C SER A 413 4.73 -6.29 -22.49
C SER A 413 4.79 -6.34 -22.48
N LYS A 414 5.64 -5.38 -22.12
CA LYS A 414 5.92 -5.08 -20.69
C LYS A 414 4.88 -4.11 -20.14
N ALA A 415 4.67 -4.17 -18.83
CA ALA A 415 3.68 -3.32 -18.14
C ALA A 415 2.37 -3.31 -18.92
N PRO A 416 1.82 -4.50 -19.23
CA PRO A 416 0.80 -4.61 -20.28
C PRO A 416 -0.54 -3.94 -19.97
N ASP A 417 -0.86 -3.71 -18.69
CA ASP A 417 -2.16 -3.13 -18.29
C ASP A 417 -2.01 -1.63 -17.99
N SER A 418 -0.80 -1.11 -18.05
CA SER A 418 -0.53 0.31 -17.72
C SER A 418 -0.80 1.18 -18.94
N GLN A 419 -1.52 2.28 -18.73
CA GLN A 419 -1.84 3.27 -19.78
C GLN A 419 -1.18 4.59 -19.42
N ASN A 420 -0.75 5.35 -20.40
CA ASN A 420 -0.18 6.70 -20.15
C ASN A 420 -1.30 7.68 -19.90
N HIS A 421 -1.42 8.13 -18.65
CA HIS A 421 -2.36 9.21 -18.24
C HIS A 421 -1.57 10.29 -17.50
N LEU A 422 -0.35 10.57 -17.91
CA LEU A 422 0.50 11.55 -17.18
C LEU A 422 -0.22 12.89 -17.09
N ASP A 423 -0.79 13.39 -18.18
CA ASP A 423 -1.44 14.72 -18.17
C ASP A 423 -2.54 14.76 -17.09
N SER A 424 -3.33 13.71 -16.94
CA SER A 424 -4.40 13.68 -15.92
C SER A 424 -3.79 13.61 -14.51
N TRP A 425 -2.72 12.83 -14.33
CA TRP A 425 -2.04 12.73 -13.02
C TRP A 425 -1.38 14.06 -12.64
N LEU A 426 -1.06 14.93 -13.61
CA LEU A 426 -0.44 16.25 -13.33
C LEU A 426 -1.47 17.38 -13.41
N GLY A 427 -2.75 17.05 -13.60
CA GLY A 427 -3.83 18.06 -13.66
C GLY A 427 -3.81 18.89 -14.93
N LYS A 428 -3.05 18.48 -15.96
CA LYS A 428 -2.97 19.20 -17.26
C LYS A 428 -4.14 18.79 -18.15
N SER A 429 -4.76 17.65 -17.84
CA SER A 429 -5.98 17.13 -18.48
C SER A 429 -6.97 16.74 -17.36
N LYS A 430 -8.26 16.74 -17.68
CA LYS A 430 -9.35 16.25 -16.80
C LYS A 430 -9.95 14.97 -17.40
N LYS A 431 -9.31 14.37 -18.41
CA LYS A 431 -9.85 13.17 -19.09
C LYS A 431 -9.81 11.96 -18.14
N ASP A 432 -10.96 11.34 -17.91
CA ASP A 432 -11.08 10.10 -17.10
C ASP A 432 -10.40 8.94 -17.82
N ARG A 433 -9.85 8.01 -17.05
CA ARG A 433 -9.58 6.65 -17.59
C ARG A 433 -10.89 6.11 -18.15
N PRO A 434 -10.90 5.41 -19.30
CA PRO A 434 -12.16 4.89 -19.82
C PRO A 434 -12.88 3.99 -18.81
N TRP A 435 -12.12 3.21 -18.06
CA TRP A 435 -12.64 2.42 -16.92
C TRP A 435 -11.49 2.05 -16.01
N VAL A 436 -11.86 1.57 -14.84
N VAL A 436 -11.80 1.72 -14.76
CA VAL A 436 -10.93 1.13 -13.78
CA VAL A 436 -10.80 1.12 -13.83
C VAL A 436 -11.34 -0.28 -13.35
C VAL A 436 -11.31 -0.26 -13.43
N ILE A 437 -10.36 -1.15 -13.14
CA ILE A 437 -10.62 -2.52 -12.69
C ILE A 437 -10.17 -2.62 -11.23
N GLU A 438 -11.00 -3.26 -10.42
CA GLU A 438 -10.77 -3.45 -8.98
C GLU A 438 -10.82 -4.93 -8.67
N GLU A 439 -9.84 -5.38 -7.88
CA GLU A 439 -9.71 -6.78 -7.44
C GLU A 439 -9.99 -6.88 -5.95
N SER A 440 -10.93 -7.72 -5.57
CA SER A 440 -11.28 -7.93 -4.14
C SER A 440 -10.46 -9.08 -3.62
N ASN A 441 -10.52 -9.31 -2.31
CA ASN A 441 -9.67 -10.34 -1.68
C ASN A 441 -9.98 -11.72 -2.28
N ILE A 442 -11.24 -12.01 -2.65
CA ILE A 442 -11.64 -13.35 -3.20
C ILE A 442 -11.34 -13.43 -4.71
N LEU A 443 -10.85 -12.34 -5.33
CA LEU A 443 -10.50 -12.21 -6.77
C LEU A 443 -11.72 -11.89 -7.64
N ALA A 444 -12.88 -11.67 -7.03
CA ALA A 444 -14.04 -11.08 -7.75
C ALA A 444 -13.61 -9.72 -8.26
N LEU A 445 -13.88 -9.46 -9.55
CA LEU A 445 -13.53 -8.17 -10.16
C LEU A 445 -14.75 -7.26 -10.23
N SER A 446 -14.41 -5.99 -10.15
CA SER A 446 -15.37 -4.89 -10.31
C SER A 446 -14.84 -3.90 -11.34
N VAL A 447 -15.77 -3.13 -11.88
CA VAL A 447 -15.46 -2.10 -12.89
C VAL A 447 -16.06 -0.78 -12.42
N ARG A 448 -15.26 0.29 -12.47
N ARG A 448 -15.27 0.29 -12.48
CA ARG A 448 -15.77 1.67 -12.34
CA ARG A 448 -15.79 1.67 -12.34
C ARG A 448 -15.63 2.33 -13.71
C ARG A 448 -15.63 2.34 -13.70
N LYS A 449 -16.72 2.86 -14.24
CA LYS A 449 -16.75 3.48 -15.59
C LYS A 449 -17.68 4.68 -15.51
N GLY A 450 -17.14 5.89 -15.60
CA GLY A 450 -17.95 7.09 -15.35
C GLY A 450 -18.60 6.97 -14.00
N LYS A 451 -19.92 7.16 -13.95
CA LYS A 451 -20.66 7.12 -12.67
C LYS A 451 -20.98 5.69 -12.24
N TRP A 452 -20.71 4.69 -13.07
CA TRP A 452 -21.18 3.32 -12.80
C TRP A 452 -20.12 2.50 -12.06
N LYS A 453 -20.61 1.69 -11.13
CA LYS A 453 -19.80 0.69 -10.43
C LYS A 453 -20.50 -0.66 -10.60
N TYR A 454 -19.83 -1.61 -11.23
CA TYR A 454 -20.35 -2.98 -11.42
C TYR A 454 -19.50 -3.94 -10.60
N ILE A 455 -20.14 -4.83 -9.85
CA ILE A 455 -19.46 -5.95 -9.13
C ILE A 455 -19.94 -7.26 -9.76
N GLU A 456 -19.01 -8.06 -10.26
CA GLU A 456 -19.40 -9.36 -10.84
C GLU A 456 -19.84 -10.30 -9.73
N PRO A 457 -20.78 -11.22 -10.02
CA PRO A 457 -21.23 -12.18 -9.03
C PRO A 457 -20.11 -13.06 -8.48
N SER A 458 -20.24 -13.45 -7.22
N SER A 458 -20.26 -13.42 -7.20
CA SER A 458 -19.36 -14.43 -6.57
CA SER A 458 -19.32 -14.21 -6.35
C SER A 458 -20.16 -15.24 -5.54
C SER A 458 -20.13 -15.18 -5.47
N ASN A 459 -19.56 -16.33 -5.08
CA ASN A 459 -20.17 -17.21 -4.06
C ASN A 459 -19.65 -16.81 -2.67
N GLY A 460 -18.95 -15.67 -2.56
CA GLY A 460 -18.37 -15.20 -1.29
C GLY A 460 -19.43 -14.82 -0.26
N SER A 461 -19.04 -14.83 0.99
N SER A 461 -19.03 -14.83 0.99
N SER A 461 -19.02 -14.85 1.01
CA SER A 461 -19.94 -14.41 2.10
CA SER A 461 -19.87 -14.40 2.13
CA SER A 461 -19.81 -14.39 2.18
C SER A 461 -20.02 -12.89 2.10
C SER A 461 -20.01 -12.87 2.09
C SER A 461 -19.99 -12.88 2.10
N PRO A 462 -21.12 -12.32 2.57
CA PRO A 462 -21.31 -10.86 2.56
C PRO A 462 -20.48 -10.08 3.58
N MET A 463 -19.88 -10.79 4.54
N MET A 463 -19.87 -10.76 4.55
CA MET A 463 -18.99 -10.20 5.57
CA MET A 463 -18.99 -10.11 5.54
C MET A 463 -17.67 -10.96 5.57
C MET A 463 -17.72 -10.94 5.72
N ILE A 464 -16.58 -10.27 5.86
CA ILE A 464 -15.30 -10.92 6.16
C ILE A 464 -15.54 -11.81 7.40
N THR A 465 -14.97 -13.01 7.42
CA THR A 465 -15.33 -14.07 8.40
C THR A 465 -14.30 -14.21 9.53
N TRP A 466 -13.08 -13.68 9.38
CA TRP A 466 -11.96 -14.08 10.27
C TRP A 466 -11.68 -13.05 11.38
N GLY A 467 -12.44 -11.96 11.47
CA GLY A 467 -12.26 -10.97 12.55
C GLY A 467 -12.78 -9.58 12.20
N PRO A 468 -12.25 -8.93 11.14
CA PRO A 468 -12.71 -7.60 10.77
C PRO A 468 -14.18 -7.68 10.36
N LYS A 469 -14.99 -6.75 10.82
CA LYS A 469 -16.43 -6.78 10.51
C LYS A 469 -16.64 -5.87 9.29
N ILE A 470 -16.17 -6.32 8.13
CA ILE A 470 -16.16 -5.51 6.88
C ILE A 470 -17.10 -6.15 5.87
N GLU A 471 -17.97 -5.35 5.30
CA GLU A 471 -18.88 -5.80 4.22
C GLU A 471 -18.07 -6.01 2.94
N THR A 472 -18.26 -7.14 2.29
CA THR A 472 -17.45 -7.55 1.13
C THR A 472 -18.06 -7.07 -0.19
N GLY A 473 -19.37 -6.92 -0.25
CA GLY A 473 -20.06 -6.71 -1.54
C GLY A 473 -20.12 -7.98 -2.36
N TYR A 474 -19.80 -9.15 -1.79
CA TYR A 474 -19.91 -10.43 -2.51
C TYR A 474 -21.39 -10.83 -2.56
N ALA A 475 -21.90 -11.15 -3.75
CA ALA A 475 -23.30 -11.57 -3.92
C ALA A 475 -23.41 -12.43 -5.17
N PRO A 476 -24.36 -13.39 -5.21
CA PRO A 476 -24.46 -14.31 -6.34
C PRO A 476 -25.26 -13.75 -7.52
N TYR A 477 -25.47 -12.45 -7.56
CA TYR A 477 -26.21 -11.75 -8.65
C TYR A 477 -25.42 -10.51 -9.04
N ASP A 478 -25.68 -10.01 -10.24
CA ASP A 478 -25.07 -8.77 -10.74
C ASP A 478 -25.40 -7.61 -9.79
N GLN A 479 -24.45 -6.73 -9.56
CA GLN A 479 -24.69 -5.48 -8.80
C GLN A 479 -24.17 -4.32 -9.62
N LEU A 480 -24.97 -3.28 -9.72
CA LEU A 480 -24.65 -2.05 -10.47
C LEU A 480 -25.12 -0.85 -9.66
N PHE A 481 -24.21 0.08 -9.40
CA PHE A 481 -24.48 1.27 -8.56
C PHE A 481 -24.21 2.53 -9.37
N ASP A 482 -25.09 3.51 -9.19
CA ASP A 482 -24.91 4.87 -9.75
C ASP A 482 -24.24 5.73 -8.67
N MET A 483 -22.95 5.98 -8.84
CA MET A 483 -22.13 6.71 -7.85
C MET A 483 -22.46 8.22 -7.87
N ASN A 484 -23.14 8.73 -8.90
N ASN A 484 -23.20 8.69 -8.87
CA ASN A 484 -23.65 10.13 -8.92
CA ASN A 484 -23.67 10.09 -9.00
C ASN A 484 -24.79 10.23 -7.90
C ASN A 484 -24.92 10.30 -8.13
N LYS A 485 -25.65 9.21 -7.84
CA LYS A 485 -26.87 9.24 -6.99
C LYS A 485 -26.45 9.07 -5.53
N SER A 486 -25.50 8.19 -5.25
CA SER A 486 -24.89 8.04 -3.91
C SER A 486 -23.47 7.50 -4.01
N GLU A 487 -22.53 8.06 -3.25
CA GLU A 487 -21.18 7.47 -3.15
C GLU A 487 -21.23 6.16 -2.36
N PHE A 488 -22.27 5.94 -1.56
CA PHE A 488 -22.46 4.73 -0.74
C PHE A 488 -23.27 3.77 -1.59
N GLU A 489 -22.70 2.63 -1.90
CA GLU A 489 -23.28 1.62 -2.84
C GLU A 489 -24.42 0.86 -2.15
N SER A 490 -25.65 1.38 -2.23
CA SER A 490 -26.77 0.78 -1.46
C SER A 490 -27.88 0.29 -2.38
N GLU A 491 -28.12 0.95 -3.51
CA GLU A 491 -29.29 0.66 -4.38
C GLU A 491 -28.79 -0.05 -5.63
N ASN A 492 -29.06 -1.36 -5.71
CA ASN A 492 -28.64 -2.18 -6.85
C ASN A 492 -29.56 -1.94 -8.05
N LEU A 493 -29.02 -1.26 -9.07
CA LEU A 493 -29.75 -0.90 -10.31
C LEU A 493 -29.53 -1.90 -11.42
N ALA A 494 -28.80 -2.99 -11.17
CA ALA A 494 -28.52 -3.95 -12.28
C ALA A 494 -29.79 -4.37 -13.01
N PRO A 495 -30.90 -4.73 -12.31
CA PRO A 495 -32.07 -5.19 -13.05
C PRO A 495 -32.68 -4.14 -13.97
N LYS A 496 -32.45 -2.86 -13.68
CA LYS A 496 -33.04 -1.76 -14.45
C LYS A 496 -32.27 -1.46 -15.74
N TYR A 497 -30.97 -1.79 -15.80
CA TYR A 497 -30.09 -1.33 -16.89
C TYR A 497 -29.31 -2.51 -17.47
N PRO A 498 -29.99 -3.48 -18.12
CA PRO A 498 -29.30 -4.61 -18.71
C PRO A 498 -28.21 -4.23 -19.73
N ALA A 499 -28.40 -3.14 -20.47
CA ALA A 499 -27.41 -2.73 -21.50
C ALA A 499 -26.14 -2.23 -20.80
N ILE A 500 -26.26 -1.56 -19.67
CA ILE A 500 -25.08 -1.09 -18.89
C ILE A 500 -24.39 -2.31 -18.30
N VAL A 501 -25.15 -3.24 -17.71
CA VAL A 501 -24.57 -4.48 -17.13
C VAL A 501 -23.78 -5.21 -18.23
N LYS A 502 -24.37 -5.36 -19.42
CA LYS A 502 -23.68 -6.08 -20.51
C LYS A 502 -22.36 -5.37 -20.86
N GLU A 503 -22.36 -4.03 -20.98
CA GLU A 503 -21.14 -3.27 -21.31
C GLU A 503 -20.06 -3.54 -20.25
N MET A 504 -20.45 -3.55 -18.99
N MET A 504 -20.41 -3.53 -18.97
CA MET A 504 -19.48 -3.72 -17.87
CA MET A 504 -19.39 -3.70 -17.89
C MET A 504 -18.93 -5.14 -17.89
C MET A 504 -18.92 -5.16 -17.83
N LYS A 505 -19.79 -6.15 -18.10
CA LYS A 505 -19.36 -7.55 -18.20
C LYS A 505 -18.44 -7.71 -19.41
N ASP A 506 -18.72 -7.03 -20.53
CA ASP A 506 -17.92 -7.13 -21.77
C ASP A 506 -16.53 -6.56 -21.51
N ILE A 507 -16.41 -5.52 -20.68
CA ILE A 507 -15.09 -4.97 -20.27
C ILE A 507 -14.29 -6.06 -19.55
N LEU A 508 -14.90 -6.81 -18.63
CA LEU A 508 -14.16 -7.87 -17.91
C LEU A 508 -13.78 -9.01 -18.88
N VAL A 509 -14.63 -9.33 -19.84
CA VAL A 509 -14.28 -10.35 -20.87
C VAL A 509 -13.05 -9.86 -21.64
N GLN A 510 -13.05 -8.60 -22.08
CA GLN A 510 -11.94 -8.02 -22.87
C GLN A 510 -10.67 -8.03 -22.02
N GLU A 511 -10.77 -7.62 -20.76
CA GLU A 511 -9.58 -7.54 -19.89
C GLU A 511 -9.03 -8.93 -19.68
N ARG A 512 -9.88 -9.91 -19.38
CA ARG A 512 -9.41 -11.29 -19.11
C ARG A 512 -8.82 -11.91 -20.39
N ALA A 513 -9.28 -11.54 -21.59
CA ALA A 513 -8.83 -12.12 -22.87
C ALA A 513 -7.40 -11.70 -23.20
N LYS A 514 -6.90 -10.60 -22.62
CA LYS A 514 -5.48 -10.16 -22.81
C LYS A 514 -4.50 -11.15 -22.15
N GLY A 515 -4.96 -12.01 -21.25
CA GLY A 515 -4.16 -13.07 -20.61
C GLY A 515 -3.60 -14.07 -21.61
#